data_1FO2
#
_entry.id   1FO2
#
_cell.length_a   96.174
_cell.length_b   96.174
_cell.length_c   137.118
_cell.angle_alpha   90.00
_cell.angle_beta   90.00
_cell.angle_gamma   120.00
#
_symmetry.space_group_name_H-M   'P 31 2 1'
#
loop_
_entity.id
_entity.type
_entity.pdbx_description
1 polymer ALPHA1,2-MANNOSIDASE
2 non-polymer 'CALCIUM ION'
3 non-polymer 'SULFATE ION'
4 non-polymer 1-DEOXYMANNOJIRIMYCIN
5 water water
#
_entity_poly.entity_id   1
_entity_poly.type   'polypeptide(L)'
_entity_poly.pdbx_seq_one_letter_code
;TQGPVHLNYRQKGVIDVFLHAWKGYRKFAWGHDELKPVSRSFSEWFGLGLTLIDALDTMWILGLRKEFEEARKWVSKKLH
FEKDVDVNLFESTIRILGGLLSAYHLSGDSLFLRKAEDFGNRLMPAFRTPSKIPYSDVNIGTGVAHPPRWTSDSTVAEVT
SIQLEFRELSRLTGDKKFQEAVEKVTQHIHGLSGKKDGLVPMFINTHSGLFTHLGVFTLGARADSYYEYLLKQWIQGGKQ
ETQLLEDYVEAIEGVRTHLLRHSEPSKLTFVGELAHGRFSAKMDHLVCFLPGTLALGVYHGLPASHMELAQELMETCYQM
NRQMETGLSPEIVHFNLYPQPGRRDVEVKPADRHNLLRPETVESLFYLYRVTGDRKYQDWGWEILQSFSRFTRVPSGGYS
SINNVQDPQKPEPRDKMESFFLGETLKYLFLLFSDDPNLLSLDAYVFNTEAHPLPIWTPA
;
_entity_poly.pdbx_strand_id   A
#
loop_
_chem_comp.id
_chem_comp.type
_chem_comp.name
_chem_comp.formula
CA non-polymer 'CALCIUM ION' 'Ca 2'
DMJ non-polymer 1-DEOXYMANNOJIRIMYCIN 'C6 H13 N O4'
SO4 non-polymer 'SULFATE ION' 'O4 S -2'
#
# COMPACT_ATOMS: atom_id res chain seq x y z
N THR A 1 -18.87 -12.47 21.26
CA THR A 1 -18.74 -10.99 21.33
C THR A 1 -17.92 -10.55 22.54
N GLN A 2 -16.66 -10.98 22.59
CA GLN A 2 -15.76 -10.64 23.68
C GLN A 2 -14.29 -10.75 23.24
N GLY A 3 -13.49 -9.75 23.60
CA GLY A 3 -12.09 -9.77 23.22
C GLY A 3 -11.13 -9.86 24.40
N PRO A 4 -9.89 -10.29 24.16
CA PRO A 4 -8.85 -10.45 25.19
C PRO A 4 -8.73 -9.25 26.15
N VAL A 5 -8.51 -9.56 27.42
CA VAL A 5 -8.39 -8.57 28.47
C VAL A 5 -7.10 -7.73 28.45
N HIS A 6 -6.01 -8.29 27.95
CA HIS A 6 -4.75 -7.56 27.92
C HIS A 6 -4.72 -6.33 27.00
N LEU A 7 -5.45 -6.39 25.89
CA LEU A 7 -5.51 -5.31 24.91
C LEU A 7 -5.85 -3.91 25.43
N ASN A 8 -5.07 -2.91 25.03
CA ASN A 8 -5.37 -1.55 25.44
C ASN A 8 -6.63 -1.17 24.67
N TYR A 9 -7.34 -0.14 25.13
CA TYR A 9 -8.60 0.24 24.49
C TYR A 9 -8.58 0.60 23.02
N ARG A 10 -7.47 1.12 22.51
CA ARG A 10 -7.43 1.48 21.10
C ARG A 10 -7.34 0.25 20.20
N GLN A 11 -6.57 -0.75 20.61
CA GLN A 11 -6.46 -1.96 19.81
C GLN A 11 -7.81 -2.69 19.80
N LYS A 12 -8.49 -2.70 20.96
CA LYS A 12 -9.79 -3.36 21.05
C LYS A 12 -10.75 -2.68 20.10
N GLY A 13 -10.63 -1.35 20.01
CA GLY A 13 -11.50 -0.61 19.12
C GLY A 13 -11.27 -1.06 17.68
N VAL A 14 -10.00 -1.22 17.32
CA VAL A 14 -9.67 -1.67 15.97
C VAL A 14 -10.29 -3.02 15.72
N ILE A 15 -10.17 -3.92 16.70
CA ILE A 15 -10.73 -5.25 16.57
C ILE A 15 -12.25 -5.18 16.43
N ASP A 16 -12.89 -4.26 17.17
CA ASP A 16 -14.34 -4.09 17.09
C ASP A 16 -14.75 -3.65 15.67
N VAL A 17 -13.94 -2.78 15.07
CA VAL A 17 -14.23 -2.28 13.72
C VAL A 17 -13.99 -3.40 12.72
N PHE A 18 -12.97 -4.20 12.97
CA PHE A 18 -12.67 -5.30 12.06
C PHE A 18 -13.82 -6.30 12.04
N LEU A 19 -14.29 -6.68 13.22
CA LEU A 19 -15.38 -7.65 13.33
C LEU A 19 -16.61 -7.16 12.60
N HIS A 20 -16.99 -5.91 12.82
CA HIS A 20 -18.15 -5.37 12.12
C HIS A 20 -17.93 -5.47 10.61
N ALA A 21 -16.72 -5.15 10.17
CA ALA A 21 -16.39 -5.22 8.75
C ALA A 21 -16.43 -6.66 8.25
N TRP A 22 -15.78 -7.55 8.99
CA TRP A 22 -15.72 -8.96 8.62
C TRP A 22 -17.14 -9.54 8.58
N LYS A 23 -18.00 -9.04 9.47
CA LYS A 23 -19.39 -9.48 9.53
C LYS A 23 -20.09 -9.34 8.18
N GLY A 24 -20.02 -8.15 7.59
CA GLY A 24 -20.65 -7.92 6.31
C GLY A 24 -20.06 -8.82 5.24
N TYR A 25 -18.76 -9.03 5.29
CA TYR A 25 -18.09 -9.86 4.30
C TYR A 25 -18.56 -11.31 4.40
N ARG A 26 -18.64 -11.84 5.62
CA ARG A 26 -19.07 -13.21 5.83
C ARG A 26 -20.51 -13.48 5.39
N LYS A 27 -21.38 -12.50 5.60
CA LYS A 27 -22.78 -12.63 5.24
C LYS A 27 -23.12 -12.34 3.78
N PHE A 28 -22.44 -11.38 3.17
CA PHE A 28 -22.78 -11.00 1.80
C PHE A 28 -21.75 -11.23 0.68
N ALA A 29 -20.47 -11.39 1.03
CA ALA A 29 -19.45 -11.59 0.00
C ALA A 29 -18.45 -12.68 0.33
N TRP A 30 -18.87 -13.67 1.11
CA TRP A 30 -17.95 -14.74 1.49
C TRP A 30 -17.35 -15.48 0.30
N GLY A 31 -16.03 -15.49 0.25
CA GLY A 31 -15.33 -16.15 -0.83
C GLY A 31 -15.21 -15.29 -2.07
N HIS A 32 -15.86 -14.12 -2.03
CA HIS A 32 -15.82 -13.21 -3.16
C HIS A 32 -14.73 -12.16 -2.96
N ASP A 33 -14.29 -11.54 -4.04
CA ASP A 33 -13.24 -10.53 -3.99
C ASP A 33 -13.47 -9.33 -3.08
N GLU A 34 -14.56 -8.61 -3.31
CA GLU A 34 -14.85 -7.43 -2.51
C GLU A 34 -16.31 -7.34 -2.07
N LEU A 35 -16.53 -6.78 -0.90
CA LEU A 35 -17.87 -6.62 -0.36
C LEU A 35 -18.54 -5.35 -0.85
N LYS A 36 -19.86 -5.42 -1.02
CA LYS A 36 -20.68 -4.28 -1.40
C LYS A 36 -21.54 -4.15 -0.15
N PRO A 37 -21.05 -3.44 0.87
CA PRO A 37 -21.76 -3.26 2.14
C PRO A 37 -23.16 -2.68 2.05
N VAL A 38 -23.29 -1.56 1.35
CA VAL A 38 -24.59 -0.89 1.22
C VAL A 38 -25.65 -1.84 0.67
N SER A 39 -25.44 -2.36 -0.54
CA SER A 39 -26.38 -3.27 -1.18
C SER A 39 -26.25 -4.72 -0.70
N ARG A 40 -25.45 -4.92 0.34
CA ARG A 40 -25.27 -6.27 0.89
C ARG A 40 -24.94 -7.30 -0.17
N SER A 41 -24.05 -6.95 -1.09
CA SER A 41 -23.68 -7.86 -2.16
C SER A 41 -22.16 -8.03 -2.23
N PHE A 42 -21.64 -8.16 -3.44
CA PHE A 42 -20.21 -8.35 -3.65
C PHE A 42 -19.83 -8.08 -5.10
N SER A 43 -18.53 -8.03 -5.36
CA SER A 43 -18.05 -7.82 -6.71
C SER A 43 -16.83 -8.71 -6.93
N GLU A 44 -16.63 -9.12 -8.18
CA GLU A 44 -15.50 -9.96 -8.51
C GLU A 44 -14.55 -9.21 -9.44
N TRP A 45 -13.26 -9.27 -9.11
CA TRP A 45 -12.23 -8.61 -9.90
C TRP A 45 -11.34 -9.69 -10.53
N PHE A 46 -10.89 -10.64 -9.70
CA PHE A 46 -10.07 -11.76 -10.18
C PHE A 46 -10.84 -13.04 -9.92
N GLY A 47 -11.70 -13.00 -8.91
CA GLY A 47 -12.47 -14.18 -8.55
C GLY A 47 -11.59 -15.10 -7.74
N LEU A 48 -10.76 -14.52 -6.88
CA LEU A 48 -9.84 -15.31 -6.06
C LEU A 48 -9.93 -14.99 -4.55
N GLY A 49 -11.11 -14.57 -4.09
CA GLY A 49 -11.28 -14.25 -2.68
C GLY A 49 -10.28 -13.22 -2.19
N LEU A 50 -10.10 -12.17 -3.00
CA LEU A 50 -9.18 -11.08 -2.71
C LEU A 50 -9.20 -10.57 -1.28
N THR A 51 -10.37 -10.16 -0.81
CA THR A 51 -10.51 -9.63 0.55
C THR A 51 -10.15 -10.65 1.62
N LEU A 52 -10.56 -11.90 1.42
CA LEU A 52 -10.26 -12.95 2.41
C LEU A 52 -8.75 -13.13 2.52
N ILE A 53 -8.08 -13.23 1.38
CA ILE A 53 -6.64 -13.42 1.32
C ILE A 53 -5.90 -12.20 1.86
N ASP A 54 -6.32 -11.03 1.44
CA ASP A 54 -5.70 -9.78 1.85
C ASP A 54 -5.83 -9.58 3.36
N ALA A 55 -6.84 -10.20 3.97
CA ALA A 55 -7.07 -10.04 5.41
C ALA A 55 -6.58 -11.20 6.28
N LEU A 56 -5.99 -12.22 5.68
CA LEU A 56 -5.51 -13.36 6.45
C LEU A 56 -4.52 -12.96 7.57
N ASP A 57 -3.40 -12.35 7.21
CA ASP A 57 -2.44 -11.94 8.23
C ASP A 57 -3.02 -10.91 9.21
N THR A 58 -3.97 -10.11 8.75
CA THR A 58 -4.55 -9.12 9.66
C THR A 58 -5.34 -9.84 10.76
N MET A 59 -6.14 -10.85 10.37
CA MET A 59 -6.92 -11.60 11.36
C MET A 59 -6.00 -12.28 12.35
N TRP A 60 -4.93 -12.90 11.84
CA TRP A 60 -4.00 -13.58 12.72
C TRP A 60 -3.40 -12.62 13.74
N ILE A 61 -2.94 -11.47 13.27
CA ILE A 61 -2.33 -10.46 14.13
C ILE A 61 -3.31 -9.91 15.17
N LEU A 62 -4.59 -9.82 14.81
CA LEU A 62 -5.57 -9.31 15.75
C LEU A 62 -6.09 -10.40 16.69
N GLY A 63 -5.51 -11.59 16.58
CA GLY A 63 -5.93 -12.69 17.44
C GLY A 63 -7.30 -13.28 17.11
N LEU A 64 -7.79 -13.01 15.92
CA LEU A 64 -9.08 -13.53 15.47
C LEU A 64 -8.84 -14.91 14.86
N ARG A 65 -8.41 -15.84 15.70
CA ARG A 65 -8.11 -17.20 15.25
C ARG A 65 -9.30 -17.99 14.70
N LYS A 66 -10.45 -17.86 15.34
CA LYS A 66 -11.63 -18.56 14.87
C LYS A 66 -11.90 -18.11 13.43
N GLU A 67 -11.83 -16.80 13.20
CA GLU A 67 -12.06 -16.26 11.87
C GLU A 67 -10.98 -16.73 10.91
N PHE A 68 -9.73 -16.71 11.37
CA PHE A 68 -8.62 -17.14 10.55
C PHE A 68 -8.81 -18.59 10.11
N GLU A 69 -9.11 -19.47 11.05
CA GLU A 69 -9.31 -20.87 10.76
C GLU A 69 -10.38 -21.07 9.70
N GLU A 70 -11.47 -20.32 9.81
CA GLU A 70 -12.53 -20.43 8.82
C GLU A 70 -12.05 -19.96 7.44
N ALA A 71 -11.25 -18.90 7.41
CA ALA A 71 -10.73 -18.38 6.15
C ALA A 71 -9.69 -19.36 5.58
N ARG A 72 -9.01 -20.06 6.47
CA ARG A 72 -7.99 -21.03 6.10
C ARG A 72 -8.66 -22.24 5.44
N LYS A 73 -9.87 -22.56 5.91
CA LYS A 73 -10.64 -23.67 5.38
C LYS A 73 -11.02 -23.37 3.93
N TRP A 74 -11.40 -22.11 3.67
CA TRP A 74 -11.79 -21.67 2.34
C TRP A 74 -10.63 -21.75 1.35
N VAL A 75 -9.45 -21.32 1.80
CA VAL A 75 -8.25 -21.35 0.97
C VAL A 75 -7.90 -22.80 0.63
N SER A 76 -8.12 -23.67 1.61
CA SER A 76 -7.82 -25.09 1.46
C SER A 76 -8.76 -25.79 0.48
N LYS A 77 -10.01 -25.37 0.45
CA LYS A 77 -10.99 -26.03 -0.41
C LYS A 77 -11.61 -25.23 -1.56
N LYS A 78 -11.60 -23.91 -1.48
CA LYS A 78 -12.23 -23.11 -2.53
C LYS A 78 -11.30 -22.33 -3.44
N LEU A 79 -10.08 -22.07 -2.99
CA LEU A 79 -9.14 -21.31 -3.78
C LEU A 79 -8.50 -22.12 -4.92
N HIS A 80 -8.89 -21.82 -6.15
CA HIS A 80 -8.36 -22.53 -7.31
C HIS A 80 -7.82 -21.53 -8.33
N PHE A 81 -6.57 -21.73 -8.75
CA PHE A 81 -5.95 -20.85 -9.71
C PHE A 81 -6.13 -21.34 -11.13
N GLU A 82 -6.75 -22.50 -11.28
CA GLU A 82 -6.99 -23.06 -12.60
C GLU A 82 -8.17 -22.34 -13.24
N LYS A 83 -8.08 -21.02 -13.34
CA LYS A 83 -9.16 -20.24 -13.93
C LYS A 83 -8.71 -19.41 -15.12
N ASP A 84 -9.58 -19.29 -16.11
CA ASP A 84 -9.28 -18.50 -17.29
C ASP A 84 -9.60 -17.07 -16.89
N VAL A 85 -8.62 -16.36 -16.36
CA VAL A 85 -8.83 -14.98 -15.92
C VAL A 85 -7.58 -14.14 -16.05
N ASP A 86 -7.77 -12.89 -16.44
CA ASP A 86 -6.68 -11.96 -16.61
C ASP A 86 -6.48 -11.20 -15.30
N VAL A 87 -5.23 -11.08 -14.86
CA VAL A 87 -4.95 -10.34 -13.64
C VAL A 87 -3.80 -9.39 -13.87
N ASN A 88 -3.73 -8.34 -13.06
CA ASN A 88 -2.65 -7.38 -13.15
C ASN A 88 -1.49 -7.96 -12.32
N LEU A 89 -0.34 -8.13 -12.96
CA LEU A 89 0.82 -8.69 -12.30
C LEU A 89 1.10 -8.02 -10.94
N PHE A 90 1.04 -6.70 -10.91
CA PHE A 90 1.30 -5.94 -9.69
C PHE A 90 0.26 -6.14 -8.58
N GLU A 91 -1.01 -5.92 -8.89
CA GLU A 91 -2.08 -6.07 -7.91
C GLU A 91 -2.13 -7.49 -7.32
N SER A 92 -1.88 -8.48 -8.18
CA SER A 92 -1.89 -9.89 -7.77
C SER A 92 -0.76 -10.17 -6.82
N THR A 93 0.42 -9.69 -7.18
CA THR A 93 1.62 -9.91 -6.39
C THR A 93 1.55 -9.34 -4.98
N ILE A 94 1.19 -8.08 -4.86
CA ILE A 94 1.13 -7.45 -3.55
C ILE A 94 0.00 -7.96 -2.66
N ARG A 95 -1.14 -8.34 -3.23
CA ARG A 95 -2.26 -8.81 -2.43
C ARG A 95 -2.27 -10.32 -2.24
N ILE A 96 -2.30 -11.05 -3.35
CA ILE A 96 -2.33 -12.52 -3.30
C ILE A 96 -1.00 -13.15 -2.88
N LEU A 97 0.04 -12.93 -3.65
CA LEU A 97 1.32 -13.53 -3.33
C LEU A 97 1.83 -13.03 -1.98
N GLY A 98 1.80 -11.73 -1.78
CA GLY A 98 2.26 -11.18 -0.52
C GLY A 98 1.38 -11.62 0.64
N GLY A 99 0.08 -11.69 0.38
CA GLY A 99 -0.87 -12.10 1.40
C GLY A 99 -0.68 -13.52 1.87
N LEU A 100 -0.43 -14.42 0.92
CA LEU A 100 -0.21 -15.84 1.23
C LEU A 100 1.14 -16.02 1.95
N LEU A 101 2.17 -15.37 1.43
CA LEU A 101 3.49 -15.46 2.04
C LEU A 101 3.42 -15.03 3.51
N SER A 102 2.72 -13.93 3.79
CA SER A 102 2.58 -13.46 5.18
C SER A 102 1.82 -14.47 6.01
N ALA A 103 0.70 -14.94 5.47
CA ALA A 103 -0.13 -15.90 6.18
C ALA A 103 0.69 -17.13 6.52
N TYR A 104 1.49 -17.60 5.57
CA TYR A 104 2.32 -18.77 5.82
C TYR A 104 3.31 -18.52 6.94
N HIS A 105 3.94 -17.35 6.94
CA HIS A 105 4.91 -17.02 7.98
C HIS A 105 4.32 -16.83 9.38
N LEU A 106 3.15 -16.21 9.49
CA LEU A 106 2.54 -15.97 10.78
C LEU A 106 1.91 -17.22 11.39
N SER A 107 1.28 -18.03 10.54
CA SER A 107 0.61 -19.24 10.98
C SER A 107 1.47 -20.50 10.90
N GLY A 108 2.45 -20.50 10.00
CA GLY A 108 3.30 -21.67 9.86
C GLY A 108 2.64 -22.76 9.04
N ASP A 109 1.43 -22.47 8.54
CA ASP A 109 0.69 -23.43 7.74
C ASP A 109 1.25 -23.53 6.33
N SER A 110 1.87 -24.66 6.02
CA SER A 110 2.48 -24.86 4.71
C SER A 110 1.49 -24.70 3.56
N LEU A 111 0.19 -24.78 3.84
CA LEU A 111 -0.84 -24.62 2.82
C LEU A 111 -0.63 -23.32 2.04
N PHE A 112 -0.45 -22.23 2.76
CA PHE A 112 -0.27 -20.92 2.17
C PHE A 112 0.96 -20.80 1.27
N LEU A 113 2.00 -21.57 1.57
CA LEU A 113 3.22 -21.53 0.78
C LEU A 113 2.94 -22.28 -0.53
N ARG A 114 2.26 -23.41 -0.41
CA ARG A 114 1.93 -24.21 -1.57
C ARG A 114 1.14 -23.37 -2.57
N LYS A 115 0.12 -22.67 -2.06
CA LYS A 115 -0.69 -21.81 -2.90
C LYS A 115 0.16 -20.68 -3.49
N ALA A 116 1.05 -20.11 -2.67
CA ALA A 116 1.91 -19.03 -3.13
C ALA A 116 2.81 -19.46 -4.27
N GLU A 117 3.45 -20.61 -4.14
CA GLU A 117 4.34 -21.11 -5.19
C GLU A 117 3.54 -21.39 -6.46
N ASP A 118 2.35 -21.94 -6.30
CA ASP A 118 1.46 -22.22 -7.42
C ASP A 118 1.20 -20.91 -8.16
N PHE A 119 0.72 -19.92 -7.41
CA PHE A 119 0.42 -18.62 -7.98
C PHE A 119 1.65 -17.96 -8.58
N GLY A 120 2.77 -18.04 -7.86
CA GLY A 120 4.00 -17.46 -8.35
C GLY A 120 4.33 -18.00 -9.72
N ASN A 121 4.21 -19.31 -9.89
CA ASN A 121 4.50 -19.92 -11.18
C ASN A 121 3.56 -19.46 -12.29
N ARG A 122 2.28 -19.27 -11.97
CA ARG A 122 1.32 -18.84 -12.98
C ARG A 122 1.50 -17.38 -13.41
N LEU A 123 2.32 -16.63 -12.67
CA LEU A 123 2.57 -15.22 -12.95
C LEU A 123 3.80 -15.02 -13.83
N MET A 124 4.68 -16.01 -13.85
CA MET A 124 5.91 -15.94 -14.63
C MET A 124 5.80 -15.61 -16.12
N PRO A 125 4.72 -16.06 -16.78
CA PRO A 125 4.60 -15.76 -18.22
C PRO A 125 4.73 -14.26 -18.54
N ALA A 126 4.38 -13.42 -17.57
CA ALA A 126 4.44 -11.97 -17.72
C ALA A 126 5.81 -11.41 -18.07
N PHE A 127 6.87 -12.13 -17.74
CA PHE A 127 8.22 -11.63 -18.02
C PHE A 127 8.74 -11.97 -19.41
N ARG A 128 7.96 -12.75 -20.16
CA ARG A 128 8.34 -13.14 -21.51
C ARG A 128 8.18 -11.97 -22.48
N THR A 129 9.15 -11.06 -22.47
CA THR A 129 9.14 -9.89 -23.33
C THR A 129 10.57 -9.65 -23.82
N PRO A 130 10.72 -8.89 -24.92
CA PRO A 130 12.05 -8.59 -25.46
C PRO A 130 13.03 -8.01 -24.44
N SER A 131 12.56 -7.04 -23.67
CA SER A 131 13.39 -6.37 -22.67
C SER A 131 13.45 -7.05 -21.31
N LYS A 132 12.55 -8.01 -21.09
CA LYS A 132 12.47 -8.74 -19.82
C LYS A 132 11.64 -7.92 -18.82
N ILE A 133 11.24 -6.72 -19.21
CA ILE A 133 10.40 -5.90 -18.36
C ILE A 133 9.03 -6.55 -18.60
N PRO A 134 8.35 -6.98 -17.52
CA PRO A 134 7.05 -7.64 -17.60
C PRO A 134 5.83 -6.93 -18.16
N TYR A 135 4.95 -7.71 -18.80
CA TYR A 135 3.71 -7.20 -19.34
C TYR A 135 2.85 -6.84 -18.14
N SER A 136 1.86 -5.99 -18.37
CA SER A 136 0.98 -5.56 -17.29
C SER A 136 0.05 -6.66 -16.79
N ASP A 137 -0.52 -7.43 -17.71
CA ASP A 137 -1.46 -8.50 -17.34
C ASP A 137 -0.98 -9.89 -17.70
N VAL A 138 -1.63 -10.87 -17.11
CA VAL A 138 -1.32 -12.26 -17.36
C VAL A 138 -2.48 -13.14 -16.97
N ASN A 139 -2.84 -14.06 -17.87
CA ASN A 139 -3.94 -14.98 -17.60
C ASN A 139 -3.35 -16.17 -16.86
N ILE A 140 -3.62 -16.25 -15.56
CA ILE A 140 -3.09 -17.32 -14.75
C ILE A 140 -3.48 -18.71 -15.24
N GLY A 141 -4.65 -18.81 -15.88
CA GLY A 141 -5.12 -20.10 -16.36
C GLY A 141 -4.59 -20.58 -17.70
N THR A 142 -4.53 -19.67 -18.67
CA THR A 142 -4.04 -20.02 -20.00
C THR A 142 -2.54 -19.89 -20.10
N GLY A 143 -1.97 -18.98 -19.31
CA GLY A 143 -0.53 -18.79 -19.33
C GLY A 143 -0.01 -17.74 -20.27
N VAL A 144 -0.90 -16.94 -20.85
CA VAL A 144 -0.49 -15.89 -21.78
C VAL A 144 -0.58 -14.49 -21.17
N ALA A 145 0.50 -13.72 -21.28
CA ALA A 145 0.56 -12.37 -20.74
C ALA A 145 0.37 -11.36 -21.87
N HIS A 146 0.11 -10.11 -21.52
CA HIS A 146 -0.09 -9.09 -22.53
C HIS A 146 -0.17 -7.68 -21.91
N PRO A 147 0.04 -6.64 -22.73
CA PRO A 147 -0.03 -5.25 -22.27
C PRO A 147 -1.46 -4.88 -21.92
N PRO A 148 -1.64 -3.75 -21.22
CA PRO A 148 -2.99 -3.32 -20.84
C PRO A 148 -3.86 -2.96 -22.06
N ARG A 149 -5.16 -2.81 -21.83
CA ARG A 149 -6.12 -2.49 -22.87
C ARG A 149 -5.58 -1.49 -23.89
N SER A 152 -0.13 -1.37 -24.73
CA SER A 152 0.90 -0.31 -24.95
C SER A 152 2.12 -0.48 -24.05
N ASP A 153 2.17 0.27 -22.95
CA ASP A 153 3.28 0.24 -22.00
C ASP A 153 2.93 -0.41 -20.65
N SER A 154 3.93 -0.48 -19.78
CA SER A 154 3.75 -1.00 -18.43
C SER A 154 4.12 0.19 -17.52
N THR A 155 3.51 0.27 -16.34
CA THR A 155 3.83 1.38 -15.44
C THR A 155 5.05 1.03 -14.60
N VAL A 156 5.94 2.01 -14.42
CA VAL A 156 7.17 1.80 -13.66
C VAL A 156 6.99 1.26 -12.24
N ALA A 157 6.04 1.82 -11.49
CA ALA A 157 5.79 1.36 -10.12
C ALA A 157 5.41 -0.11 -10.16
N GLU A 158 4.49 -0.46 -11.05
CA GLU A 158 4.03 -1.83 -11.19
C GLU A 158 5.11 -2.90 -11.39
N VAL A 159 6.12 -2.62 -12.22
CA VAL A 159 7.17 -3.60 -12.44
C VAL A 159 8.29 -3.52 -11.40
N THR A 160 8.27 -2.48 -10.57
CA THR A 160 9.30 -2.31 -9.56
C THR A 160 8.75 -2.45 -8.14
N SER A 161 7.48 -2.84 -8.04
CA SER A 161 6.84 -3.02 -6.75
C SER A 161 6.36 -4.47 -6.58
N ILE A 162 7.13 -5.42 -7.09
CA ILE A 162 6.77 -6.82 -6.99
C ILE A 162 8.01 -7.61 -6.57
N GLN A 163 9.08 -6.89 -6.26
CA GLN A 163 10.34 -7.51 -5.91
C GLN A 163 10.41 -8.25 -4.58
N LEU A 164 9.91 -7.63 -3.50
CA LEU A 164 9.95 -8.26 -2.19
C LEU A 164 9.30 -9.64 -2.22
N GLU A 165 8.12 -9.71 -2.81
CA GLU A 165 7.36 -10.94 -2.88
C GLU A 165 8.05 -12.06 -3.66
N PHE A 166 8.51 -11.74 -4.87
CA PHE A 166 9.18 -12.74 -5.68
C PHE A 166 10.49 -13.21 -5.07
N ARG A 167 11.25 -12.29 -4.49
CA ARG A 167 12.51 -12.64 -3.85
C ARG A 167 12.26 -13.62 -2.70
N GLU A 168 11.29 -13.30 -1.84
CA GLU A 168 10.96 -14.17 -0.72
C GLU A 168 10.51 -15.55 -1.18
N LEU A 169 9.69 -15.59 -2.23
CA LEU A 169 9.22 -16.88 -2.73
C LEU A 169 10.39 -17.75 -3.17
N SER A 170 11.43 -17.13 -3.73
CA SER A 170 12.61 -17.87 -4.17
C SER A 170 13.34 -18.43 -2.95
N ARG A 171 13.47 -17.60 -1.92
CA ARG A 171 14.14 -18.01 -0.69
C ARG A 171 13.46 -19.21 -0.06
N LEU A 172 12.12 -19.16 0.03
CA LEU A 172 11.36 -20.23 0.64
C LEU A 172 11.25 -21.51 -0.18
N THR A 173 11.27 -21.39 -1.51
CA THR A 173 11.12 -22.56 -2.36
C THR A 173 12.40 -23.13 -2.92
N GLY A 174 13.44 -22.30 -2.97
CA GLY A 174 14.71 -22.74 -3.51
C GLY A 174 14.69 -22.54 -5.01
N ASP A 175 13.52 -22.20 -5.54
CA ASP A 175 13.35 -21.97 -6.98
C ASP A 175 13.75 -20.52 -7.29
N LYS A 176 14.93 -20.36 -7.87
CA LYS A 176 15.50 -19.06 -8.16
C LYS A 176 14.91 -18.24 -9.32
N LYS A 177 14.08 -18.83 -10.15
CA LYS A 177 13.52 -18.08 -11.28
C LYS A 177 12.70 -16.84 -10.88
N PHE A 178 12.01 -16.92 -9.75
CA PHE A 178 11.19 -15.80 -9.31
C PHE A 178 12.06 -14.60 -9.00
N GLN A 179 13.07 -14.80 -8.16
CA GLN A 179 13.97 -13.72 -7.79
C GLN A 179 14.71 -13.15 -8.98
N GLU A 180 15.23 -14.02 -9.85
CA GLU A 180 16.01 -13.59 -11.00
C GLU A 180 15.26 -12.69 -11.97
N ALA A 181 14.02 -13.07 -12.28
CA ALA A 181 13.20 -12.28 -13.20
C ALA A 181 13.00 -10.89 -12.62
N VAL A 182 12.59 -10.87 -11.37
CA VAL A 182 12.32 -9.65 -10.65
C VAL A 182 13.54 -8.75 -10.46
N GLU A 183 14.70 -9.35 -10.21
CA GLU A 183 15.91 -8.56 -10.00
C GLU A 183 16.46 -7.98 -11.30
N LYS A 184 16.24 -8.67 -12.41
CA LYS A 184 16.68 -8.20 -13.71
C LYS A 184 15.99 -6.86 -13.96
N VAL A 185 14.72 -6.77 -13.58
CA VAL A 185 13.96 -5.55 -13.74
C VAL A 185 14.59 -4.41 -12.95
N THR A 186 14.87 -4.67 -11.67
CA THR A 186 15.47 -3.66 -10.82
C THR A 186 16.82 -3.19 -11.36
N GLN A 187 17.64 -4.13 -11.81
CA GLN A 187 18.96 -3.79 -12.32
C GLN A 187 18.89 -2.99 -13.61
N HIS A 188 17.93 -3.33 -14.47
CA HIS A 188 17.76 -2.62 -15.73
C HIS A 188 17.29 -1.21 -15.45
N ILE A 189 16.35 -1.07 -14.52
CA ILE A 189 15.85 0.26 -14.18
C ILE A 189 16.97 1.12 -13.60
N HIS A 190 17.92 0.48 -12.92
CA HIS A 190 19.04 1.18 -12.31
C HIS A 190 19.86 1.98 -13.32
N GLY A 191 20.24 1.35 -14.43
CA GLY A 191 21.04 2.03 -15.44
C GLY A 191 20.26 2.90 -16.42
N LEU A 192 18.97 2.59 -16.60
CA LEU A 192 18.12 3.32 -17.51
C LEU A 192 18.18 4.84 -17.35
N SER A 193 18.41 5.54 -18.46
CA SER A 193 18.47 7.00 -18.45
C SER A 193 17.07 7.54 -18.67
N GLY A 194 16.87 8.81 -18.35
CA GLY A 194 15.57 9.43 -18.50
C GLY A 194 15.02 9.89 -17.17
N LYS A 195 15.79 9.65 -16.11
CA LYS A 195 15.39 10.06 -14.77
C LYS A 195 15.84 11.49 -14.54
N LYS A 196 15.17 12.17 -13.62
CA LYS A 196 15.53 13.52 -13.28
C LYS A 196 15.98 13.45 -11.83
N ASP A 197 17.29 13.35 -11.64
CA ASP A 197 17.89 13.27 -10.32
C ASP A 197 17.28 12.18 -9.46
N GLY A 198 17.06 11.01 -10.05
CA GLY A 198 16.49 9.90 -9.32
C GLY A 198 15.01 9.68 -9.54
N LEU A 199 14.31 10.73 -9.98
CA LEU A 199 12.89 10.61 -10.24
C LEU A 199 12.68 9.83 -11.53
N VAL A 200 11.85 8.79 -11.46
CA VAL A 200 11.57 7.96 -12.63
C VAL A 200 10.24 8.34 -13.29
N PRO A 201 10.14 8.14 -14.60
CA PRO A 201 8.91 8.44 -15.36
C PRO A 201 7.82 7.42 -15.00
N MET A 202 6.60 7.67 -15.44
CA MET A 202 5.48 6.78 -15.11
C MET A 202 5.37 5.50 -15.92
N PHE A 203 5.95 5.47 -17.12
CA PHE A 203 5.83 4.29 -17.97
C PHE A 203 7.14 3.78 -18.54
N ILE A 204 7.12 2.52 -18.97
CA ILE A 204 8.27 1.86 -19.55
C ILE A 204 7.80 0.84 -20.59
N ASN A 205 8.42 0.87 -21.77
CA ASN A 205 8.05 -0.03 -22.87
C ASN A 205 8.58 -1.45 -22.66
N THR A 206 7.69 -2.43 -22.71
CA THR A 206 8.11 -3.81 -22.49
C THR A 206 8.95 -4.38 -23.63
N HIS A 207 8.84 -3.79 -24.81
CA HIS A 207 9.60 -4.28 -25.95
C HIS A 207 10.98 -3.63 -26.09
N SER A 208 11.07 -2.33 -25.84
CA SER A 208 12.33 -1.61 -25.93
C SER A 208 12.97 -1.46 -24.55
N GLY A 209 12.19 -1.70 -23.51
CA GLY A 209 12.68 -1.58 -22.15
C GLY A 209 13.10 -0.17 -21.80
N LEU A 210 12.52 0.81 -22.48
CA LEU A 210 12.87 2.21 -22.23
C LEU A 210 11.73 2.99 -21.61
N PHE A 211 12.08 3.99 -20.81
CA PHE A 211 11.07 4.84 -20.19
C PHE A 211 10.33 5.57 -21.30
N THR A 212 9.03 5.77 -21.10
CA THR A 212 8.21 6.51 -22.05
C THR A 212 7.58 7.64 -21.22
N HIS A 213 6.78 8.50 -21.86
CA HIS A 213 6.17 9.64 -21.16
C HIS A 213 7.24 10.36 -20.37
N LEU A 214 8.37 10.64 -21.02
CA LEU A 214 9.48 11.33 -20.38
C LEU A 214 9.07 12.73 -19.90
N GLY A 215 9.83 13.25 -18.95
CA GLY A 215 9.57 14.59 -18.45
C GLY A 215 8.42 14.81 -17.49
N VAL A 216 7.65 13.78 -17.18
CA VAL A 216 6.53 13.92 -16.25
C VAL A 216 6.80 13.06 -15.03
N PHE A 217 6.95 13.70 -13.88
CA PHE A 217 7.25 12.98 -12.65
C PHE A 217 6.23 13.19 -11.54
N THR A 218 6.00 12.13 -10.77
CA THR A 218 5.05 12.19 -9.66
C THR A 218 5.39 11.08 -8.68
N LEU A 219 5.03 11.27 -7.42
CA LEU A 219 5.27 10.24 -6.43
C LEU A 219 3.95 9.57 -6.07
N GLY A 220 2.93 9.88 -6.85
CA GLY A 220 1.63 9.28 -6.61
C GLY A 220 1.52 8.02 -7.44
N ALA A 221 0.31 7.73 -7.91
CA ALA A 221 0.05 6.55 -8.73
C ALA A 221 1.06 6.39 -9.86
N ARG A 222 1.42 5.15 -10.14
CA ARG A 222 2.35 4.80 -11.21
C ARG A 222 3.84 4.97 -10.92
N ALA A 223 4.18 5.49 -9.74
CA ALA A 223 5.58 5.67 -9.39
C ALA A 223 5.85 5.46 -7.90
N ASP A 224 4.90 5.88 -7.07
CA ASP A 224 5.00 5.77 -5.62
C ASP A 224 5.81 4.61 -5.05
N SER A 225 5.26 3.39 -5.10
CA SER A 225 5.94 2.22 -4.53
C SER A 225 7.32 1.91 -5.11
N TYR A 226 7.65 2.46 -6.26
CA TYR A 226 8.99 2.22 -6.81
C TYR A 226 10.04 2.67 -5.80
N TYR A 227 9.86 3.88 -5.25
CA TYR A 227 10.79 4.42 -4.29
C TYR A 227 10.73 3.64 -2.98
N GLU A 228 9.52 3.21 -2.63
CA GLU A 228 9.29 2.45 -1.41
C GLU A 228 10.08 1.13 -1.44
N TYR A 229 9.98 0.41 -2.55
CA TYR A 229 10.68 -0.85 -2.69
C TYR A 229 12.19 -0.75 -2.88
N LEU A 230 12.71 0.43 -3.21
CA LEU A 230 14.15 0.57 -3.35
C LEU A 230 14.70 0.34 -1.95
N LEU A 231 14.14 1.07 -0.98
CA LEU A 231 14.56 0.96 0.42
C LEU A 231 14.24 -0.39 1.02
N LYS A 232 12.99 -0.83 0.89
CA LYS A 232 12.56 -2.10 1.45
C LYS A 232 13.31 -3.31 0.95
N GLN A 233 13.69 -3.33 -0.34
CA GLN A 233 14.46 -4.44 -0.86
C GLN A 233 15.81 -4.41 -0.16
N TRP A 234 16.35 -3.21 -0.01
CA TRP A 234 17.62 -3.02 0.65
C TRP A 234 17.55 -3.61 2.04
N ILE A 235 16.54 -3.20 2.80
CA ILE A 235 16.37 -3.70 4.16
C ILE A 235 16.14 -5.21 4.16
N GLN A 236 15.39 -5.70 3.18
CA GLN A 236 15.10 -7.11 3.06
C GLN A 236 16.38 -7.94 2.89
N GLY A 237 17.27 -7.49 2.02
CA GLY A 237 18.51 -8.21 1.77
C GLY A 237 19.58 -8.06 2.83
N GLY A 238 19.22 -7.61 4.02
CA GLY A 238 20.20 -7.46 5.08
C GLY A 238 21.06 -6.21 4.92
N LYS A 239 20.58 -5.26 4.15
CA LYS A 239 21.28 -4.00 3.91
C LYS A 239 22.64 -4.16 3.24
N GLN A 240 22.74 -5.04 2.26
CA GLN A 240 24.00 -5.26 1.55
C GLN A 240 23.97 -4.81 0.10
N GLU A 241 22.78 -4.68 -0.46
CA GLU A 241 22.64 -4.25 -1.85
C GLU A 241 22.71 -2.72 -1.94
N THR A 242 23.93 -2.21 -1.88
CA THR A 242 24.18 -0.77 -1.89
C THR A 242 23.62 0.04 -3.08
N GLN A 243 23.44 -0.58 -4.25
CA GLN A 243 22.90 0.16 -5.39
C GLN A 243 21.50 0.66 -5.08
N LEU A 244 20.72 -0.17 -4.40
CA LEU A 244 19.35 0.17 -4.03
C LEU A 244 19.38 1.40 -3.12
N LEU A 245 20.26 1.34 -2.12
CA LEU A 245 20.41 2.42 -1.16
C LEU A 245 20.75 3.72 -1.88
N GLU A 246 21.76 3.67 -2.73
CA GLU A 246 22.21 4.84 -3.47
C GLU A 246 21.09 5.46 -4.29
N ASP A 247 20.39 4.63 -5.07
CA ASP A 247 19.28 5.12 -5.89
C ASP A 247 18.24 5.77 -5.00
N TYR A 248 17.97 5.15 -3.86
CA TYR A 248 16.98 5.66 -2.91
C TYR A 248 17.35 7.06 -2.40
N VAL A 249 18.55 7.23 -1.86
CA VAL A 249 18.95 8.52 -1.34
C VAL A 249 18.98 9.58 -2.45
N GLU A 250 19.35 9.16 -3.66
CA GLU A 250 19.40 10.08 -4.80
C GLU A 250 17.97 10.53 -5.10
N ALA A 251 17.06 9.57 -5.12
CA ALA A 251 15.65 9.85 -5.38
C ALA A 251 15.10 10.84 -4.36
N ILE A 252 15.45 10.65 -3.10
CA ILE A 252 14.96 11.55 -2.06
C ILE A 252 15.47 12.98 -2.29
N GLU A 253 16.76 13.11 -2.58
CA GLU A 253 17.34 14.42 -2.86
C GLU A 253 16.63 15.01 -4.09
N GLY A 254 16.28 14.15 -5.03
CA GLY A 254 15.59 14.60 -6.22
C GLY A 254 14.21 15.10 -5.88
N VAL A 255 13.59 14.49 -4.87
CA VAL A 255 12.27 14.92 -4.45
C VAL A 255 12.40 16.30 -3.84
N ARG A 256 13.37 16.47 -2.95
CA ARG A 256 13.61 17.76 -2.31
C ARG A 256 13.77 18.85 -3.35
N THR A 257 14.67 18.62 -4.30
CA THR A 257 14.97 19.58 -5.34
C THR A 257 13.90 19.87 -6.40
N HIS A 258 13.04 18.90 -6.72
CA HIS A 258 12.03 19.17 -7.75
C HIS A 258 10.54 19.12 -7.40
N LEU A 259 10.15 18.35 -6.37
CA LEU A 259 8.73 18.26 -6.04
C LEU A 259 8.32 18.80 -4.68
N LEU A 260 9.30 19.15 -3.85
CA LEU A 260 9.02 19.64 -2.51
C LEU A 260 8.71 21.14 -2.45
N ARG A 261 7.52 21.48 -1.94
CA ARG A 261 7.12 22.87 -1.81
C ARG A 261 6.47 23.11 -0.45
N HIS A 262 6.01 24.34 -0.22
CA HIS A 262 5.35 24.70 1.02
C HIS A 262 4.11 25.51 0.73
N SER A 263 3.05 25.24 1.46
CA SER A 263 1.80 25.94 1.23
C SER A 263 1.78 27.30 1.90
N GLU A 264 0.79 28.11 1.55
CA GLU A 264 0.60 29.42 2.12
C GLU A 264 -0.83 29.42 2.65
N PRO A 265 -1.04 30.05 3.83
CA PRO A 265 -0.07 30.76 4.65
C PRO A 265 0.63 29.96 5.74
N SER A 266 0.23 28.70 5.93
CA SER A 266 0.80 27.88 7.00
C SER A 266 2.14 27.19 6.77
N LYS A 267 2.64 27.22 5.54
CA LYS A 267 3.93 26.61 5.22
C LYS A 267 3.93 25.09 5.34
N LEU A 268 2.83 24.46 4.97
CA LEU A 268 2.73 23.01 5.01
C LEU A 268 3.64 22.40 3.94
N THR A 269 4.52 21.50 4.34
CA THR A 269 5.42 20.84 3.41
C THR A 269 4.63 19.80 2.62
N PHE A 270 4.77 19.80 1.29
CA PHE A 270 4.05 18.85 0.48
C PHE A 270 4.82 18.50 -0.79
N VAL A 271 4.46 17.37 -1.39
CA VAL A 271 5.08 16.90 -2.61
C VAL A 271 4.11 17.05 -3.78
N GLY A 272 4.54 17.78 -4.81
CA GLY A 272 3.70 17.99 -5.97
C GLY A 272 4.21 17.23 -7.18
N GLU A 273 3.55 17.43 -8.31
CA GLU A 273 3.91 16.77 -9.53
C GLU A 273 4.59 17.74 -10.51
N LEU A 274 5.52 17.22 -11.30
CA LEU A 274 6.26 18.00 -12.28
C LEU A 274 6.02 17.50 -13.71
N ALA A 275 5.56 18.38 -14.58
CA ALA A 275 5.30 18.03 -15.97
C ALA A 275 6.01 19.00 -16.91
N HIS A 276 7.08 18.51 -17.53
CA HIS A 276 7.88 19.31 -18.47
C HIS A 276 8.21 20.69 -17.94
N GLY A 277 8.69 20.74 -16.69
CA GLY A 277 9.06 22.02 -16.10
C GLY A 277 7.96 22.73 -15.34
N ARG A 278 6.70 22.38 -15.61
CA ARG A 278 5.60 23.02 -14.90
C ARG A 278 5.23 22.28 -13.62
N PHE A 279 5.50 22.91 -12.49
CA PHE A 279 5.17 22.29 -11.21
C PHE A 279 3.68 22.42 -11.00
N SER A 280 3.10 21.43 -10.33
CA SER A 280 1.68 21.43 -10.04
C SER A 280 1.54 21.08 -8.55
N ALA A 281 0.95 22.00 -7.79
CA ALA A 281 0.75 21.79 -6.36
C ALA A 281 -0.40 20.81 -6.15
N LYS A 282 -0.19 19.59 -6.60
CA LYS A 282 -1.18 18.52 -6.51
C LYS A 282 -0.54 17.31 -5.84
N MET A 283 -1.20 16.77 -4.83
CA MET A 283 -0.67 15.63 -4.10
C MET A 283 -1.72 14.55 -3.83
N ASP A 284 -1.51 13.36 -4.39
CA ASP A 284 -2.41 12.24 -4.18
C ASP A 284 -2.27 11.77 -2.74
N HIS A 285 -3.34 11.22 -2.19
CA HIS A 285 -3.27 10.69 -0.83
C HIS A 285 -2.20 9.59 -0.86
N LEU A 286 -2.14 8.88 -1.99
CA LEU A 286 -1.18 7.80 -2.22
C LEU A 286 0.22 8.21 -1.77
N VAL A 287 0.58 9.46 -2.03
CA VAL A 287 1.89 9.99 -1.69
C VAL A 287 2.16 9.98 -0.17
N CYS A 288 1.09 9.93 0.63
CA CYS A 288 1.26 9.92 2.07
C CYS A 288 2.02 8.73 2.63
N PHE A 289 2.47 7.85 1.74
CA PHE A 289 3.23 6.68 2.17
C PHE A 289 4.65 7.16 2.47
N LEU A 290 5.08 8.20 1.76
CA LEU A 290 6.43 8.72 1.88
C LEU A 290 6.96 9.00 3.29
N PRO A 291 6.24 9.78 4.11
CA PRO A 291 6.79 10.02 5.45
C PRO A 291 7.04 8.71 6.20
N GLY A 292 6.23 7.69 5.90
CA GLY A 292 6.41 6.39 6.53
C GLY A 292 7.70 5.74 6.08
N THR A 293 7.88 5.67 4.76
CA THR A 293 9.09 5.09 4.21
C THR A 293 10.30 5.90 4.66
N LEU A 294 10.14 7.23 4.70
CA LEU A 294 11.23 8.10 5.13
C LEU A 294 11.68 7.76 6.54
N ALA A 295 10.72 7.64 7.46
CA ALA A 295 11.04 7.33 8.85
C ALA A 295 11.66 5.95 8.95
N LEU A 296 11.13 5.01 8.17
CA LEU A 296 11.63 3.64 8.16
C LEU A 296 13.13 3.68 7.87
N GLY A 297 13.51 4.40 6.82
CA GLY A 297 14.91 4.49 6.46
C GLY A 297 15.75 5.07 7.59
N VAL A 298 15.25 6.11 8.22
CA VAL A 298 15.98 6.76 9.31
C VAL A 298 16.29 5.74 10.39
N TYR A 299 15.31 4.90 10.70
CA TYR A 299 15.48 3.86 11.70
C TYR A 299 16.65 2.99 11.29
N HIS A 300 16.78 2.77 9.98
CA HIS A 300 17.85 1.93 9.44
C HIS A 300 19.13 2.65 9.05
N GLY A 301 19.32 3.85 9.57
CA GLY A 301 20.54 4.57 9.30
C GLY A 301 20.57 5.65 8.23
N LEU A 302 19.44 6.01 7.66
CA LEU A 302 19.47 7.05 6.64
C LEU A 302 19.57 8.45 7.27
N PRO A 303 20.02 9.44 6.49
CA PRO A 303 20.20 10.85 6.91
C PRO A 303 19.12 11.41 7.83
N ALA A 304 19.56 12.17 8.84
CA ALA A 304 18.65 12.77 9.80
C ALA A 304 17.72 13.77 9.11
N SER A 305 18.15 14.26 7.95
CA SER A 305 17.34 15.21 7.21
C SER A 305 16.06 14.50 6.74
N HIS A 306 16.16 13.18 6.59
CA HIS A 306 15.03 12.36 6.17
C HIS A 306 13.95 12.39 7.26
N MET A 307 14.39 12.43 8.52
CA MET A 307 13.47 12.45 9.66
C MET A 307 12.62 13.71 9.68
N GLU A 308 13.27 14.86 9.50
CA GLU A 308 12.55 16.13 9.49
C GLU A 308 11.50 16.13 8.40
N LEU A 309 11.89 15.64 7.23
CA LEU A 309 10.99 15.57 6.11
C LEU A 309 9.81 14.66 6.45
N ALA A 310 10.10 13.54 7.11
CA ALA A 310 9.07 12.59 7.51
C ALA A 310 8.09 13.27 8.45
N GLN A 311 8.61 13.86 9.51
CA GLN A 311 7.78 14.55 10.48
C GLN A 311 6.93 15.64 9.83
N GLU A 312 7.53 16.39 8.92
CA GLU A 312 6.81 17.46 8.23
C GLU A 312 5.68 16.94 7.36
N LEU A 313 5.97 15.90 6.59
CA LEU A 313 4.97 15.31 5.70
C LEU A 313 3.89 14.54 6.47
N MET A 314 4.24 14.03 7.65
CA MET A 314 3.27 13.32 8.47
C MET A 314 2.21 14.31 8.92
N GLU A 315 2.69 15.49 9.30
CA GLU A 315 1.85 16.57 9.76
C GLU A 315 0.91 17.03 8.65
N THR A 316 1.43 17.13 7.43
CA THR A 316 0.65 17.55 6.28
C THR A 316 -0.43 16.51 5.95
N CYS A 317 -0.04 15.25 5.89
CA CYS A 317 -0.99 14.18 5.61
C CYS A 317 -2.07 14.14 6.68
N TYR A 318 -1.67 14.41 7.92
CA TYR A 318 -2.61 14.46 9.02
C TYR A 318 -3.60 15.59 8.71
N GLN A 319 -3.06 16.75 8.35
CA GLN A 319 -3.90 17.90 8.02
C GLN A 319 -4.77 17.66 6.79
N MET A 320 -4.31 16.79 5.89
CA MET A 320 -5.08 16.48 4.70
C MET A 320 -6.40 15.80 5.07
N ASN A 321 -6.37 15.08 6.20
CA ASN A 321 -7.52 14.39 6.72
C ASN A 321 -8.37 15.33 7.57
N ARG A 322 -7.72 16.00 8.52
CA ARG A 322 -8.38 16.90 9.47
C ARG A 322 -9.05 18.16 8.95
N GLN A 323 -8.61 18.67 7.80
CA GLN A 323 -9.22 19.89 7.25
C GLN A 323 -10.57 19.56 6.61
N MET A 324 -10.83 18.26 6.45
CA MET A 324 -12.08 17.82 5.86
C MET A 324 -13.13 17.74 6.97
N GLU A 325 -14.38 18.00 6.62
CA GLU A 325 -15.47 17.97 7.58
C GLU A 325 -15.70 16.61 8.21
N THR A 326 -15.42 15.55 7.45
CA THR A 326 -15.61 14.19 7.98
C THR A 326 -14.34 13.72 8.68
N GLY A 327 -13.23 14.44 8.49
CA GLY A 327 -11.98 14.06 9.11
C GLY A 327 -11.22 13.05 8.26
N LEU A 328 -11.72 12.75 7.07
CA LEU A 328 -11.07 11.80 6.17
C LEU A 328 -10.51 12.52 4.93
N SER A 329 -9.27 12.20 4.60
CA SER A 329 -8.62 12.81 3.46
C SER A 329 -9.27 12.43 2.13
N PRO A 330 -9.29 13.38 1.18
CA PRO A 330 -9.88 13.09 -0.13
C PRO A 330 -8.81 12.39 -0.95
N GLU A 331 -9.20 11.85 -2.11
CA GLU A 331 -8.28 11.15 -3.00
C GLU A 331 -7.08 12.01 -3.38
N ILE A 332 -7.33 13.29 -3.67
CA ILE A 332 -6.29 14.22 -4.06
C ILE A 332 -6.46 15.57 -3.36
N VAL A 333 -5.34 16.20 -3.04
CA VAL A 333 -5.36 17.49 -2.35
C VAL A 333 -4.42 18.50 -3.00
N HIS A 334 -4.97 19.65 -3.38
CA HIS A 334 -4.18 20.71 -3.99
C HIS A 334 -3.79 21.68 -2.89
N PHE A 335 -2.58 22.22 -2.95
CA PHE A 335 -2.15 23.18 -1.94
C PHE A 335 -1.97 24.56 -2.55
N ASN A 336 -2.39 25.58 -1.80
CA ASN A 336 -2.25 26.96 -2.24
C ASN A 336 -0.77 27.29 -2.10
N LEU A 337 -0.19 27.86 -3.15
CA LEU A 337 1.23 28.15 -3.18
C LEU A 337 1.67 29.61 -3.02
N TYR A 338 0.80 30.56 -3.30
CA TYR A 338 1.20 31.96 -3.18
C TYR A 338 0.39 32.84 -2.23
N PRO A 339 1.08 33.70 -1.48
CA PRO A 339 0.55 34.64 -0.49
C PRO A 339 -0.80 35.24 -0.81
N GLN A 340 -1.79 34.85 -0.02
CA GLN A 340 -3.16 35.32 -0.15
C GLN A 340 -3.71 35.25 1.26
N PRO A 341 -3.96 36.41 1.86
CA PRO A 341 -4.49 36.50 3.22
C PRO A 341 -5.48 35.41 3.66
N GLY A 342 -6.77 35.68 3.55
CA GLY A 342 -7.76 34.71 4.00
C GLY A 342 -7.85 33.37 3.28
N ARG A 343 -6.77 32.94 2.66
CA ARG A 343 -6.78 31.69 1.93
C ARG A 343 -6.35 30.46 2.74
N ARG A 344 -7.07 29.36 2.54
CA ARG A 344 -6.80 28.08 3.21
C ARG A 344 -5.59 27.46 2.51
N ASP A 345 -4.85 26.61 3.21
CA ASP A 345 -3.69 25.96 2.61
C ASP A 345 -4.09 24.79 1.71
N VAL A 346 -5.08 24.03 2.17
CA VAL A 346 -5.55 22.85 1.46
C VAL A 346 -6.77 23.11 0.60
N GLU A 347 -6.72 22.68 -0.65
CA GLU A 347 -7.80 22.85 -1.58
C GLU A 347 -8.14 21.49 -2.18
N VAL A 348 -9.43 21.21 -2.36
CA VAL A 348 -9.86 19.94 -2.93
C VAL A 348 -10.92 20.14 -4.00
N LYS A 349 -10.66 19.61 -5.20
CA LYS A 349 -11.61 19.74 -6.30
C LYS A 349 -12.75 18.76 -6.12
N PRO A 350 -13.98 19.15 -6.50
CA PRO A 350 -15.15 18.31 -6.36
C PRO A 350 -15.02 16.87 -6.87
N ALA A 351 -14.30 16.67 -7.95
CA ALA A 351 -14.14 15.33 -8.49
C ALA A 351 -13.29 14.43 -7.61
N ASP A 352 -12.48 15.03 -6.74
CA ASP A 352 -11.59 14.28 -5.88
C ASP A 352 -12.00 14.12 -4.42
N ARG A 353 -13.22 14.53 -4.08
CA ARG A 353 -13.69 14.43 -2.70
C ARG A 353 -14.02 13.02 -2.21
N HIS A 354 -13.65 12.02 -2.99
CA HIS A 354 -13.89 10.63 -2.62
C HIS A 354 -12.83 10.17 -1.62
N ASN A 355 -13.18 9.15 -0.85
CA ASN A 355 -12.25 8.51 0.10
C ASN A 355 -12.57 7.02 0.04
N LEU A 356 -11.58 6.23 -0.38
CA LEU A 356 -11.79 4.78 -0.53
C LEU A 356 -11.17 3.98 0.62
N LEU A 357 -11.18 4.57 1.82
CA LEU A 357 -10.65 3.92 3.01
C LEU A 357 -9.16 3.56 2.86
N ARG A 358 -8.42 4.35 2.09
CA ARG A 358 -6.99 4.09 1.88
C ARG A 358 -6.21 4.14 3.20
N PRO A 359 -5.08 3.43 3.26
CA PRO A 359 -4.23 3.33 4.45
C PRO A 359 -2.99 4.23 4.58
N GLU A 360 -2.55 4.82 3.49
CA GLU A 360 -1.33 5.63 3.51
C GLU A 360 -1.08 6.51 4.74
N THR A 361 -2.10 7.21 5.22
CA THR A 361 -1.88 8.06 6.39
C THR A 361 -1.63 7.27 7.66
N VAL A 362 -2.51 6.32 7.96
CA VAL A 362 -2.34 5.53 9.18
C VAL A 362 -1.12 4.64 9.05
N GLU A 363 -0.74 4.33 7.83
CA GLU A 363 0.45 3.52 7.57
C GLU A 363 1.68 4.28 8.05
N SER A 364 1.77 5.54 7.66
CA SER A 364 2.92 6.37 8.04
C SER A 364 2.93 6.74 9.52
N LEU A 365 1.74 6.91 10.12
CA LEU A 365 1.68 7.24 11.54
C LEU A 365 2.32 6.08 12.31
N PHE A 366 2.07 4.87 11.85
CA PHE A 366 2.65 3.69 12.49
C PHE A 366 4.18 3.78 12.47
N TYR A 367 4.76 4.13 11.32
CA TYR A 367 6.21 4.22 11.24
C TYR A 367 6.74 5.38 12.10
N LEU A 368 6.07 6.53 12.02
CA LEU A 368 6.51 7.69 12.81
C LEU A 368 6.51 7.41 14.30
N TYR A 369 5.52 6.68 14.78
CA TYR A 369 5.45 6.36 16.20
C TYR A 369 6.53 5.35 16.58
N ARG A 370 6.72 4.32 15.75
CA ARG A 370 7.74 3.31 16.01
C ARG A 370 9.11 3.94 16.09
N VAL A 371 9.34 4.96 15.27
CA VAL A 371 10.64 5.60 15.26
C VAL A 371 10.79 6.74 16.25
N THR A 372 9.74 7.54 16.44
CA THR A 372 9.85 8.65 17.39
C THR A 372 9.30 8.36 18.78
N GLY A 373 8.39 7.38 18.88
CA GLY A 373 7.82 7.09 20.18
C GLY A 373 6.88 8.19 20.67
N ASP A 374 6.59 9.15 19.79
CA ASP A 374 5.70 10.26 20.12
C ASP A 374 4.25 9.80 20.09
N ARG A 375 3.64 9.76 21.25
CA ARG A 375 2.26 9.32 21.40
C ARG A 375 1.20 10.07 20.58
N LYS A 376 1.51 11.29 20.14
CA LYS A 376 0.53 12.05 19.38
C LYS A 376 0.15 11.36 18.06
N TYR A 377 1.07 10.59 17.49
CA TYR A 377 0.79 9.89 16.25
C TYR A 377 -0.27 8.81 16.48
N GLN A 378 -0.29 8.26 17.69
CA GLN A 378 -1.28 7.26 18.05
C GLN A 378 -2.61 8.02 18.15
N ASP A 379 -2.57 9.17 18.81
CA ASP A 379 -3.76 10.00 18.98
C ASP A 379 -4.35 10.33 17.62
N TRP A 380 -3.49 10.74 16.69
CA TRP A 380 -3.94 11.10 15.35
C TRP A 380 -4.60 9.91 14.67
N GLY A 381 -4.00 8.73 14.82
CA GLY A 381 -4.58 7.55 14.22
C GLY A 381 -5.94 7.24 14.82
N TRP A 382 -6.06 7.47 16.13
CA TRP A 382 -7.31 7.22 16.84
C TRP A 382 -8.41 8.12 16.29
N GLU A 383 -8.07 9.37 16.03
CA GLU A 383 -9.03 10.32 15.47
C GLU A 383 -9.51 9.89 14.09
N ILE A 384 -8.60 9.39 13.27
CA ILE A 384 -8.97 8.95 11.95
C ILE A 384 -9.87 7.72 12.01
N LEU A 385 -9.58 6.81 12.93
CA LEU A 385 -10.42 5.62 13.06
C LEU A 385 -11.86 6.07 13.37
N GLN A 386 -11.97 7.10 14.21
CA GLN A 386 -13.27 7.65 14.60
C GLN A 386 -14.04 8.15 13.39
N SER A 387 -13.35 8.84 12.50
CA SER A 387 -13.97 9.38 11.29
C SER A 387 -14.51 8.23 10.45
N PHE A 388 -13.69 7.18 10.30
CA PHE A 388 -14.10 5.99 9.54
C PHE A 388 -15.38 5.42 10.16
N SER A 389 -15.36 5.27 11.49
CA SER A 389 -16.52 4.73 12.21
C SER A 389 -17.78 5.57 12.03
N ARG A 390 -17.60 6.89 12.11
CA ARG A 390 -18.72 7.80 12.01
C ARG A 390 -19.30 7.99 10.61
N PHE A 391 -18.43 8.05 9.58
CA PHE A 391 -18.92 8.28 8.23
C PHE A 391 -18.91 7.15 7.21
N THR A 392 -18.20 6.05 7.47
CA THR A 392 -18.14 4.96 6.51
C THR A 392 -18.76 3.64 6.99
N ARG A 393 -19.24 3.61 8.23
CA ARG A 393 -19.84 2.40 8.77
C ARG A 393 -21.19 2.05 8.16
N VAL A 394 -21.37 0.78 7.82
CA VAL A 394 -22.62 0.30 7.25
C VAL A 394 -23.25 -0.61 8.32
N PRO A 395 -24.44 -0.23 8.82
CA PRO A 395 -25.14 -0.99 9.85
C PRO A 395 -25.17 -2.52 9.68
N SER A 396 -25.65 -3.00 8.55
CA SER A 396 -25.73 -4.44 8.30
C SER A 396 -24.37 -5.14 8.31
N GLY A 397 -23.29 -4.36 8.21
CA GLY A 397 -21.97 -4.94 8.21
C GLY A 397 -21.06 -4.32 7.17
N GLY A 398 -19.77 -4.22 7.50
CA GLY A 398 -18.82 -3.64 6.57
C GLY A 398 -18.70 -2.13 6.64
N TYR A 399 -17.82 -1.59 5.80
CA TYR A 399 -17.57 -0.16 5.72
C TYR A 399 -17.45 0.17 4.25
N SER A 400 -17.80 1.40 3.87
CA SER A 400 -17.76 1.76 2.45
C SER A 400 -16.97 3.01 2.10
N SER A 401 -16.47 3.04 0.87
CA SER A 401 -15.74 4.21 0.38
C SER A 401 -16.84 5.25 0.27
N ILE A 402 -16.48 6.52 0.27
CA ILE A 402 -17.49 7.56 0.16
C ILE A 402 -17.16 8.58 -0.91
N ASN A 403 -18.19 9.22 -1.42
CA ASN A 403 -18.04 10.23 -2.48
C ASN A 403 -17.75 11.63 -1.98
N ASN A 404 -18.35 12.01 -0.87
CA ASN A 404 -18.15 13.34 -0.34
C ASN A 404 -17.52 13.33 1.04
N VAL A 405 -16.23 13.61 1.08
CA VAL A 405 -15.48 13.63 2.33
C VAL A 405 -15.69 14.97 3.04
N GLN A 406 -16.27 15.93 2.32
CA GLN A 406 -16.50 17.26 2.87
C GLN A 406 -17.91 17.47 3.41
N ASP A 407 -18.77 16.47 3.30
CA ASP A 407 -20.14 16.59 3.79
C ASP A 407 -20.50 15.52 4.82
N PRO A 408 -20.39 15.85 6.12
CA PRO A 408 -20.71 14.90 7.19
C PRO A 408 -22.15 14.38 7.24
N GLN A 409 -23.09 15.12 6.65
CA GLN A 409 -24.49 14.68 6.65
C GLN A 409 -24.79 13.72 5.51
N LYS A 410 -24.14 13.95 4.37
CA LYS A 410 -24.32 13.10 3.20
C LYS A 410 -22.97 12.77 2.56
N PRO A 411 -22.21 11.86 3.18
CA PRO A 411 -20.90 11.45 2.68
C PRO A 411 -21.01 10.64 1.38
N GLU A 412 -22.17 10.01 1.19
CA GLU A 412 -22.45 9.22 -0.01
C GLU A 412 -21.61 7.97 -0.18
N PRO A 413 -22.04 6.84 0.41
CA PRO A 413 -21.28 5.60 0.28
C PRO A 413 -21.26 5.17 -1.19
N ARG A 414 -20.13 4.63 -1.65
CA ARG A 414 -20.02 4.18 -3.02
C ARG A 414 -20.37 2.70 -3.08
N ASP A 415 -20.76 2.14 -1.93
CA ASP A 415 -21.14 0.73 -1.84
C ASP A 415 -20.01 -0.21 -2.26
N LYS A 416 -18.85 -0.04 -1.64
CA LYS A 416 -17.69 -0.86 -1.94
C LYS A 416 -16.70 -0.81 -0.80
N MET A 417 -16.14 -1.97 -0.46
CA MET A 417 -15.13 -2.05 0.60
C MET A 417 -13.89 -2.65 -0.03
N GLU A 418 -12.88 -1.81 -0.22
CA GLU A 418 -11.61 -2.23 -0.81
C GLU A 418 -10.92 -3.23 0.10
N SER A 419 -10.25 -4.22 -0.49
CA SER A 419 -9.57 -5.24 0.31
C SER A 419 -8.47 -4.60 1.16
N PHE A 420 -7.82 -3.55 0.66
CA PHE A 420 -6.77 -2.93 1.44
C PHE A 420 -7.25 -2.30 2.73
N PHE A 421 -8.56 -2.20 2.93
CA PHE A 421 -9.07 -1.64 4.17
C PHE A 421 -8.81 -2.60 5.34
N LEU A 422 -9.05 -3.89 5.11
CA LEU A 422 -8.82 -4.88 6.15
C LEU A 422 -7.38 -5.39 6.08
N GLY A 423 -6.81 -5.38 4.88
CA GLY A 423 -5.44 -5.85 4.75
C GLY A 423 -4.41 -4.85 5.23
N GLU A 424 -4.71 -3.56 5.08
CA GLU A 424 -3.77 -2.50 5.45
C GLU A 424 -4.21 -1.53 6.52
N THR A 425 -5.23 -0.75 6.21
CA THR A 425 -5.72 0.27 7.11
C THR A 425 -5.89 -0.22 8.55
N LEU A 426 -6.68 -1.26 8.77
CA LEU A 426 -6.87 -1.74 10.13
C LEU A 426 -5.64 -2.44 10.69
N LYS A 427 -4.79 -3.01 9.82
CA LYS A 427 -3.57 -3.66 10.33
C LYS A 427 -2.62 -2.61 10.91
N TYR A 428 -2.33 -1.57 10.13
CA TYR A 428 -1.43 -0.51 10.58
C TYR A 428 -1.97 0.16 11.84
N LEU A 429 -3.27 0.37 11.89
CA LEU A 429 -3.86 1.01 13.06
C LEU A 429 -3.65 0.12 14.28
N PHE A 430 -3.85 -1.19 14.13
CA PHE A 430 -3.66 -2.10 15.25
C PHE A 430 -2.22 -2.03 15.71
N LEU A 431 -1.29 -2.06 14.75
CA LEU A 431 0.12 -2.01 15.06
C LEU A 431 0.53 -0.65 15.62
N LEU A 432 -0.14 0.41 15.17
CA LEU A 432 0.16 1.76 15.65
C LEU A 432 -0.16 1.89 17.14
N PHE A 433 -1.31 1.35 17.55
CA PHE A 433 -1.76 1.41 18.94
C PHE A 433 -1.03 0.46 19.89
N SER A 434 -0.14 -0.36 19.34
CA SER A 434 0.64 -1.29 20.16
C SER A 434 1.79 -0.57 20.84
N ASP A 435 2.06 -0.92 22.09
CA ASP A 435 3.17 -0.33 22.82
C ASP A 435 4.32 -1.32 22.95
N ASP A 436 4.31 -2.32 22.07
CA ASP A 436 5.35 -3.36 22.06
C ASP A 436 6.17 -3.28 20.78
N PRO A 437 7.41 -2.78 20.87
CA PRO A 437 8.30 -2.64 19.72
C PRO A 437 8.72 -3.98 19.12
N ASN A 438 8.46 -5.06 19.83
CA ASN A 438 8.81 -6.38 19.36
C ASN A 438 7.70 -7.01 18.53
N LEU A 439 6.57 -6.30 18.39
CA LEU A 439 5.47 -6.80 17.58
C LEU A 439 5.80 -6.41 16.14
N LEU A 440 6.23 -7.38 15.35
CA LEU A 440 6.59 -7.13 13.96
C LEU A 440 7.58 -5.98 13.94
N SER A 441 8.68 -6.18 14.67
CA SER A 441 9.76 -5.22 14.80
C SER A 441 10.31 -4.74 13.46
N LEU A 442 10.66 -3.47 13.37
CA LEU A 442 11.22 -2.92 12.15
C LEU A 442 12.61 -3.53 11.91
N ASP A 443 13.10 -4.26 12.89
CA ASP A 443 14.40 -4.93 12.83
C ASP A 443 14.30 -6.32 12.21
N ALA A 444 13.12 -6.91 12.30
CA ALA A 444 12.93 -8.26 11.80
C ALA A 444 11.99 -8.44 10.62
N TYR A 445 11.04 -7.53 10.47
CA TYR A 445 10.09 -7.64 9.37
C TYR A 445 10.02 -6.38 8.51
N VAL A 446 9.61 -6.57 7.27
CA VAL A 446 9.45 -5.46 6.34
C VAL A 446 8.12 -5.71 5.65
N PHE A 447 7.26 -4.70 5.68
CA PHE A 447 5.94 -4.80 5.06
C PHE A 447 5.99 -4.55 3.57
N ASN A 448 5.31 -5.42 2.81
CA ASN A 448 5.30 -5.22 1.37
C ASN A 448 4.36 -4.02 1.17
N THR A 449 4.11 -3.63 -0.07
CA THR A 449 3.29 -2.45 -0.28
C THR A 449 1.80 -2.65 0.04
N GLU A 450 1.42 -3.85 0.44
CA GLU A 450 0.02 -4.11 0.80
C GLU A 450 -0.06 -4.55 2.26
N ALA A 451 0.82 -3.99 3.08
CA ALA A 451 0.89 -4.26 4.51
C ALA A 451 1.16 -5.71 4.90
N HIS A 452 1.66 -6.52 3.98
CA HIS A 452 1.95 -7.89 4.34
C HIS A 452 3.41 -8.04 4.77
N PRO A 453 3.63 -8.27 6.07
CA PRO A 453 4.98 -8.44 6.61
C PRO A 453 5.74 -9.65 6.11
N LEU A 454 7.00 -9.40 5.73
CA LEU A 454 7.90 -10.44 5.24
C LEU A 454 9.18 -10.30 6.05
N PRO A 455 9.82 -11.43 6.41
CA PRO A 455 11.05 -11.44 7.21
C PRO A 455 12.29 -10.84 6.57
N ILE A 456 13.03 -10.06 7.36
CA ILE A 456 14.27 -9.47 6.88
C ILE A 456 15.25 -10.63 6.87
N TRP A 457 16.03 -10.76 5.80
CA TRP A 457 16.99 -11.86 5.70
C TRP A 457 18.24 -11.63 6.55
N THR A 458 19.02 -12.69 6.73
CA THR A 458 20.25 -12.63 7.51
C THR A 458 21.46 -12.69 6.59
CA CA B . 1.20 0.83 -0.49
S SO4 C . 8.58 26.88 -1.34
O1 SO4 C . 9.24 27.79 -2.30
O2 SO4 C . 7.37 26.33 -1.96
O3 SO4 C . 9.53 25.80 -1.01
O4 SO4 C . 8.23 27.62 -0.12
S SO4 D . 16.37 20.34 -14.33
O1 SO4 D . 15.12 20.88 -13.80
O2 SO4 D . 16.26 18.88 -14.47
O3 SO4 D . 16.64 20.94 -15.66
O4 SO4 D . 17.48 20.66 -13.41
S SO4 E . -16.52 -22.25 2.50
O1 SO4 E . -15.41 -23.18 2.20
O2 SO4 E . -16.05 -21.25 3.49
O3 SO4 E . -16.95 -21.56 1.26
O4 SO4 E . -17.66 -22.99 3.06
C4 DMJ F . -3.30 -0.70 -2.23
O4 DMJ F . -3.46 -1.49 -3.42
C3 DMJ F . -1.72 -0.70 -1.97
O3 DMJ F . -1.32 0.02 -0.80
C2 DMJ F . -0.96 -0.09 -3.23
O2 DMJ F . 0.44 -0.07 -2.98
C1 DMJ F . -1.50 1.36 -3.53
N5 DMJ F . -2.93 1.20 -3.77
C5 DMJ F . -3.86 0.73 -2.61
C6 DMJ F . -3.85 1.75 -1.44
O6 DMJ F . -4.33 3.04 -1.06
#